data_9D4X
#
_entry.id   9D4X
#
_cell.length_a   63.306
_cell.length_b   80.946
_cell.length_c   65.883
_cell.angle_alpha   90
_cell.angle_beta   106.61
_cell.angle_gamma   90
#
_symmetry.space_group_name_H-M   'P 1 21 1'
#
loop_
_entity.id
_entity.type
_entity.pdbx_description
1 polymer 'Serine/threonine-protein kinase PAK 1'
2 non-polymer N~2~-{[(1R,3R,4S)-4-amino-3-(3-chlorophenyl)cyclohexyl]methyl}-N~4~-(5-cyclopropyl-1,3-thiazol-2-yl)pyrimidine-2,4-diamine
3 water water
#
_entity_poly.entity_id   1
_entity_poly.type   'polypeptide(L)'
_entity_poly.pdbx_seq_one_letter_code
;DEEILEKLRSIVSVGDPKKKYTRFEKIGQGASGTVYTAMDVATGQEVAIKQMNLQQQPKKELIINEILVMRENKNPNIVN
YLDSYLVGDELWVVMEYLAGGSLTDVVTETCMDEGQIAAVCRECLQALEFLHSNQVIHRNIKSDNILLGMDGSVKLTDFG
FCAQITPEQSKRSEMVGTPYWMAPEVVTRKAYGPKVDIWSLGIMAIEMIEGEPPYLNENPLRALYLIATNGTPELQNPEK
LSAIFRDFLNRCLEMDVEKRGSAKELLQHQFLKIAKPLSSLTPLIAAAKEATKNNH
;
_entity_poly.pdbx_strand_id   A,B
#
loop_
_chem_comp.id
_chem_comp.type
_chem_comp.name
_chem_comp.formula
A1A2S non-polymer N~2~-{[(1R,3R,4S)-4-amino-3-(3-chlorophenyl)cyclohexyl]methyl}-N~4~-(5-cyclopropyl-1,3-thiazol-2-yl)pyrimidine-2,4-diamine 'C23 H27 Cl N6 S'
#
# COMPACT_ATOMS: atom_id res chain seq x y z
N GLU A 3 4.45 21.03 -5.53
CA GLU A 3 5.47 20.31 -6.35
C GLU A 3 6.81 20.35 -5.61
N ILE A 4 6.86 19.66 -4.46
CA ILE A 4 8.09 19.39 -3.72
C ILE A 4 8.82 18.20 -4.35
N LEU A 5 8.28 17.68 -5.47
CA LEU A 5 9.01 16.71 -6.27
C LEU A 5 10.35 17.32 -6.72
N GLU A 6 10.43 18.67 -6.82
CA GLU A 6 11.66 19.36 -7.14
C GLU A 6 12.66 19.19 -6.01
N LYS A 7 12.21 19.26 -4.76
CA LYS A 7 13.12 19.07 -3.65
C LYS A 7 13.66 17.62 -3.64
N LEU A 8 12.77 16.67 -3.94
CA LEU A 8 13.17 15.27 -4.05
C LEU A 8 14.16 15.08 -5.20
N ARG A 9 13.91 15.75 -6.32
CA ARG A 9 14.80 15.60 -7.46
C ARG A 9 16.19 16.16 -7.16
N SER A 10 16.32 17.13 -6.24
CA SER A 10 17.61 17.74 -5.95
C SER A 10 18.38 16.90 -4.93
N ILE A 11 17.69 16.04 -4.16
CA ILE A 11 18.34 15.24 -3.12
C ILE A 11 19.00 13.99 -3.68
N VAL A 12 18.36 13.39 -4.69
CA VAL A 12 18.81 12.13 -5.24
C VAL A 12 20.06 12.28 -6.11
N SER A 13 20.83 11.19 -6.23
CA SER A 13 21.92 11.13 -7.17
C SER A 13 21.37 10.87 -8.56
N VAL A 14 22.12 11.28 -9.58
CA VAL A 14 21.75 11.02 -10.96
C VAL A 14 22.73 9.98 -11.50
N GLY A 15 22.32 9.30 -12.56
CA GLY A 15 23.08 8.18 -13.10
C GLY A 15 22.26 6.90 -12.97
N ASP A 16 22.42 6.00 -13.95
CA ASP A 16 21.60 4.81 -14.03
C ASP A 16 22.02 3.85 -12.92
N PRO A 17 21.11 3.59 -11.96
CA PRO A 17 21.37 2.56 -10.97
C PRO A 17 21.42 1.19 -11.66
N LYS A 18 20.73 1.07 -12.83
CA LYS A 18 20.65 -0.19 -13.55
C LYS A 18 21.97 -0.52 -14.25
N LYS A 19 22.96 0.38 -14.20
CA LYS A 19 24.30 0.04 -14.65
C LYS A 19 25.32 0.13 -13.51
N LYS A 20 24.98 0.78 -12.39
CA LYS A 20 25.89 0.80 -11.25
C LYS A 20 25.78 -0.52 -10.48
N TYR A 21 24.64 -1.21 -10.63
CA TYR A 21 24.27 -2.37 -9.82
C TYR A 21 23.81 -3.49 -10.75
N THR A 22 24.11 -4.74 -10.37
CA THR A 22 23.69 -5.89 -11.13
C THR A 22 23.32 -7.04 -10.19
N ARG A 23 22.86 -8.15 -10.79
CA ARG A 23 22.48 -9.37 -10.10
C ARG A 23 21.30 -9.08 -9.18
N PHE A 24 20.21 -8.55 -9.76
CA PHE A 24 19.00 -8.18 -9.03
C PHE A 24 18.16 -9.41 -8.69
N GLU A 25 17.75 -9.54 -7.41
CA GLU A 25 16.90 -10.63 -6.95
C GLU A 25 15.87 -10.09 -5.95
N LYS A 26 14.58 -10.27 -6.23
CA LYS A 26 13.53 -9.82 -5.32
C LYS A 26 13.62 -10.64 -4.02
N ILE A 27 13.76 -9.96 -2.87
CA ILE A 27 13.83 -10.65 -1.58
C ILE A 27 12.64 -10.25 -0.72
N GLY A 28 11.88 -9.26 -1.15
CA GLY A 28 10.85 -8.72 -0.29
C GLY A 28 9.82 -7.94 -1.08
N GLN A 29 8.59 -7.99 -0.56
CA GLN A 29 7.54 -7.06 -0.91
C GLN A 29 7.33 -6.13 0.30
N GLY A 30 6.16 -5.51 0.36
CA GLY A 30 5.88 -4.51 1.37
C GLY A 30 4.94 -3.46 0.82
N ALA A 31 4.29 -2.72 1.72
CA ALA A 31 3.38 -1.66 1.34
C ALA A 31 4.17 -0.50 0.74
N SER A 32 5.39 -0.30 1.26
CA SER A 32 6.25 0.82 0.89
C SER A 32 6.93 0.55 -0.45
N GLY A 33 7.17 -0.72 -0.77
CA GLY A 33 7.61 -1.08 -2.11
C GLY A 33 8.19 -2.49 -2.15
N THR A 34 8.99 -2.75 -3.20
CA THR A 34 9.64 -4.04 -3.36
C THR A 34 11.13 -3.86 -3.03
N VAL A 35 11.73 -4.90 -2.46
CA VAL A 35 13.12 -4.86 -2.05
C VAL A 35 13.86 -5.91 -2.85
N TYR A 36 15.01 -5.50 -3.37
CA TYR A 36 15.87 -6.33 -4.18
C TYR A 36 17.24 -6.33 -3.54
N THR A 37 17.95 -7.45 -3.70
CA THR A 37 19.37 -7.50 -3.47
C THR A 37 20.05 -7.26 -4.81
N ALA A 38 21.30 -6.85 -4.76
CA ALA A 38 22.07 -6.59 -5.95
C ALA A 38 23.52 -6.41 -5.54
N MET A 39 24.39 -6.25 -6.56
CA MET A 39 25.81 -6.07 -6.36
C MET A 39 26.24 -4.84 -7.15
N ASP A 40 27.01 -3.96 -6.48
CA ASP A 40 27.65 -2.83 -7.12
C ASP A 40 28.61 -3.39 -8.17
N VAL A 41 28.33 -3.06 -9.43
CA VAL A 41 29.09 -3.58 -10.55
C VAL A 41 30.57 -3.34 -10.27
N ALA A 42 30.92 -2.08 -9.95
CA ALA A 42 32.29 -1.74 -9.58
C ALA A 42 32.38 -1.50 -8.07
N THR A 43 32.94 -2.48 -7.34
CA THR A 43 33.06 -2.45 -5.89
C THR A 43 32.78 -3.84 -5.33
N GLY A 44 31.83 -4.56 -5.95
CA GLY A 44 31.46 -5.91 -5.55
C GLY A 44 30.48 -5.94 -4.36
N GLN A 45 30.24 -4.80 -3.71
CA GLN A 45 29.48 -4.74 -2.46
C GLN A 45 28.04 -5.19 -2.70
N GLU A 46 27.50 -5.95 -1.75
CA GLU A 46 26.11 -6.39 -1.79
C GLU A 46 25.25 -5.28 -1.21
N VAL A 47 24.11 -5.01 -1.86
CA VAL A 47 23.23 -3.94 -1.45
C VAL A 47 21.79 -4.46 -1.47
N ALA A 48 20.96 -3.80 -0.66
CA ALA A 48 19.53 -3.93 -0.74
C ALA A 48 19.00 -2.64 -1.35
N ILE A 49 18.15 -2.78 -2.35
CA ILE A 49 17.52 -1.61 -2.91
C ILE A 49 16.02 -1.73 -2.70
N LYS A 50 15.48 -0.70 -2.06
CA LYS A 50 14.05 -0.54 -1.96
C LYS A 50 13.60 0.30 -3.14
N GLN A 51 12.63 -0.21 -3.91
CA GLN A 51 12.05 0.49 -5.04
C GLN A 51 10.61 0.86 -4.68
N MET A 52 10.30 2.16 -4.71
CA MET A 52 9.01 2.69 -4.27
C MET A 52 8.35 3.43 -5.42
N ASN A 53 7.08 3.11 -5.70
CA ASN A 53 6.35 3.82 -6.73
C ASN A 53 5.87 5.13 -6.13
N LEU A 54 6.17 6.24 -6.80
CA LEU A 54 5.85 7.57 -6.29
C LEU A 54 4.33 7.78 -6.28
N GLN A 55 3.61 7.11 -7.19
CA GLN A 55 2.16 7.11 -7.18
C GLN A 55 1.65 6.48 -5.89
N GLN A 56 2.23 5.34 -5.51
CA GLN A 56 1.82 4.62 -4.30
C GLN A 56 1.75 5.57 -3.10
N GLN A 57 2.69 6.51 -3.00
CA GLN A 57 2.74 7.44 -1.88
C GLN A 57 2.06 8.74 -2.31
N PRO A 58 0.96 9.15 -1.64
CA PRO A 58 0.28 10.40 -1.98
C PRO A 58 0.95 11.67 -1.46
N LYS A 59 1.71 11.54 -0.36
CA LYS A 59 2.41 12.66 0.25
C LYS A 59 3.93 12.48 0.09
N LYS A 60 4.49 13.06 -0.99
CA LYS A 60 5.89 12.85 -1.34
C LYS A 60 6.81 13.50 -0.31
N GLU A 61 6.23 14.36 0.53
CA GLU A 61 6.90 14.95 1.68
C GLU A 61 7.52 13.89 2.60
N LEU A 62 6.91 12.70 2.69
CA LEU A 62 7.36 11.64 3.60
C LEU A 62 8.57 10.90 3.01
N ILE A 63 8.62 10.82 1.70
CA ILE A 63 9.76 10.25 1.00
C ILE A 63 11.00 11.09 1.31
N ILE A 64 10.88 12.41 1.12
CA ILE A 64 11.97 13.34 1.40
C ILE A 64 12.49 13.14 2.82
N ASN A 65 11.56 13.17 3.77
CA ASN A 65 11.86 12.97 5.18
C ASN A 65 12.59 11.65 5.40
N GLU A 66 12.18 10.60 4.68
CA GLU A 66 12.80 9.31 4.88
C GLU A 66 14.28 9.37 4.50
N ILE A 67 14.63 9.98 3.35
CA ILE A 67 16.01 9.96 2.89
C ILE A 67 16.88 10.81 3.81
N LEU A 68 16.37 11.98 4.19
CA LEU A 68 17.12 12.92 4.99
C LEU A 68 17.44 12.30 6.35
N VAL A 69 16.41 11.75 7.02
CA VAL A 69 16.64 11.19 8.32
C VAL A 69 17.68 10.08 8.24
N MET A 70 17.57 9.24 7.21
CA MET A 70 18.50 8.14 7.13
C MET A 70 19.91 8.63 6.85
N ARG A 71 20.07 9.56 5.90
CA ARG A 71 21.44 9.99 5.61
C ARG A 71 21.98 10.80 6.78
N GLU A 72 21.13 11.39 7.60
CA GLU A 72 21.62 12.25 8.67
C GLU A 72 21.85 11.52 9.99
N ASN A 73 21.42 10.26 10.08
CA ASN A 73 21.44 9.57 11.38
C ASN A 73 22.04 8.19 11.18
N LYS A 74 23.29 8.17 10.71
CA LYS A 74 24.03 6.94 10.58
C LYS A 74 24.39 6.43 11.97
N ASN A 75 24.38 5.10 12.13
CA ASN A 75 24.69 4.51 13.41
C ASN A 75 24.90 3.02 13.23
N PRO A 76 25.71 2.36 14.10
CA PRO A 76 25.98 0.92 13.97
C PRO A 76 24.74 0.03 14.13
N ASN A 77 23.69 0.51 14.81
CA ASN A 77 22.46 -0.27 15.01
C ASN A 77 21.33 0.17 14.06
N ILE A 78 21.69 0.91 13.01
CA ILE A 78 20.77 1.32 11.96
C ILE A 78 21.32 0.91 10.61
N VAL A 79 20.48 0.32 9.76
CA VAL A 79 20.92 -0.11 8.44
C VAL A 79 21.45 1.10 7.67
N ASN A 80 22.64 1.00 7.09
CA ASN A 80 23.30 2.14 6.45
C ASN A 80 22.70 2.55 5.11
N TYR A 81 22.26 3.81 5.00
CA TYR A 81 21.84 4.40 3.74
C TYR A 81 23.09 4.59 2.88
N LEU A 82 23.04 4.16 1.60
CA LEU A 82 24.15 4.40 0.66
C LEU A 82 23.83 5.50 -0.33
N ASP A 83 22.67 5.46 -1.00
CA ASP A 83 22.37 6.41 -2.07
C ASP A 83 20.89 6.28 -2.43
N SER A 84 20.45 7.19 -3.30
CA SER A 84 19.09 7.18 -3.81
C SER A 84 19.10 7.73 -5.25
N TYR A 85 18.09 7.30 -6.01
CA TYR A 85 17.94 7.55 -7.45
C TYR A 85 16.45 7.61 -7.76
N LEU A 86 16.08 8.49 -8.69
CA LEU A 86 14.76 8.45 -9.28
C LEU A 86 14.83 7.72 -10.62
N VAL A 87 14.04 6.65 -10.74
CA VAL A 87 13.96 5.86 -11.96
C VAL A 87 12.55 6.00 -12.55
N GLY A 88 12.37 7.07 -13.32
CA GLY A 88 11.05 7.46 -13.79
C GLY A 88 10.19 7.85 -12.59
N ASP A 89 9.03 7.19 -12.46
CA ASP A 89 8.09 7.47 -11.38
C ASP A 89 8.37 6.56 -10.18
N GLU A 90 9.55 5.92 -10.16
CA GLU A 90 9.96 5.04 -9.08
C GLU A 90 11.21 5.61 -8.38
N LEU A 91 11.18 5.62 -7.05
CA LEU A 91 12.33 5.99 -6.26
C LEU A 91 13.05 4.74 -5.76
N TRP A 92 14.36 4.69 -5.97
CA TRP A 92 15.22 3.63 -5.46
C TRP A 92 16.05 4.17 -4.31
N VAL A 93 16.00 3.47 -3.17
CA VAL A 93 16.88 3.72 -2.06
C VAL A 93 17.80 2.50 -1.86
N VAL A 94 19.09 2.79 -1.82
CA VAL A 94 20.13 1.78 -1.76
C VAL A 94 20.69 1.78 -0.35
N MET A 95 20.73 0.60 0.23
CA MET A 95 21.22 0.43 1.58
C MET A 95 22.20 -0.74 1.60
N GLU A 96 23.03 -0.74 2.64
CA GLU A 96 23.89 -1.88 2.95
C GLU A 96 23.05 -3.15 3.12
N TYR A 97 23.49 -4.26 2.52
CA TYR A 97 22.79 -5.51 2.65
C TYR A 97 23.28 -6.21 3.90
N LEU A 98 22.35 -6.68 4.74
CA LEU A 98 22.73 -7.41 5.93
C LEU A 98 22.35 -8.86 5.74
N ALA A 99 23.35 -9.70 5.45
CA ALA A 99 23.12 -11.12 5.28
C ALA A 99 22.68 -11.64 6.62
N GLY A 100 21.61 -12.41 6.65
CA GLY A 100 21.11 -12.84 7.93
C GLY A 100 19.64 -13.18 7.77
N GLY A 101 18.81 -12.58 8.60
CA GLY A 101 17.40 -12.52 8.26
C GLY A 101 16.64 -11.47 9.06
N SER A 102 15.33 -11.52 8.87
CA SER A 102 14.42 -10.68 9.60
C SER A 102 14.25 -11.30 10.99
N LEU A 103 14.10 -10.46 12.02
CA LEU A 103 13.65 -10.91 13.33
C LEU A 103 12.31 -11.60 13.24
N THR A 104 11.42 -11.20 12.32
CA THR A 104 10.11 -11.84 12.18
C THR A 104 10.23 -13.34 11.92
N ASP A 105 11.16 -13.73 11.07
CA ASP A 105 11.39 -15.15 10.81
C ASP A 105 11.85 -15.89 12.07
N VAL A 106 12.71 -15.24 12.86
CA VAL A 106 13.17 -15.83 14.11
C VAL A 106 12.00 -15.94 15.08
N VAL A 107 11.13 -14.91 15.22
CA VAL A 107 10.14 -14.97 16.29
C VAL A 107 9.03 -15.92 15.89
N THR A 108 8.78 -16.08 14.59
CA THR A 108 7.71 -16.98 14.19
C THR A 108 8.17 -18.43 14.14
N GLU A 109 9.48 -18.71 14.06
CA GLU A 109 9.93 -20.07 13.77
C GLU A 109 10.81 -20.66 14.88
N THR A 110 11.17 -19.89 15.91
CA THR A 110 12.08 -20.35 16.95
C THR A 110 11.53 -19.95 18.31
N CYS A 111 12.12 -20.52 19.34
CA CYS A 111 11.87 -20.12 20.71
CA CYS A 111 11.85 -20.07 20.69
C CYS A 111 13.12 -19.42 21.21
N MET A 112 12.99 -18.18 21.62
CA MET A 112 14.13 -17.41 22.07
C MET A 112 14.20 -17.49 23.58
N ASP A 113 15.40 -17.66 24.14
CA ASP A 113 15.57 -17.57 25.58
C ASP A 113 15.72 -16.11 26.00
N GLU A 114 15.55 -15.88 27.31
CA GLU A 114 15.56 -14.54 27.88
C GLU A 114 16.89 -13.86 27.55
N GLY A 115 17.99 -14.61 27.56
CA GLY A 115 19.29 -14.01 27.26
C GLY A 115 19.36 -13.45 25.85
N GLN A 116 18.76 -14.18 24.90
CA GLN A 116 18.74 -13.80 23.52
C GLN A 116 17.82 -12.60 23.33
N ILE A 117 16.69 -12.65 24.03
CA ILE A 117 15.72 -11.57 23.94
C ILE A 117 16.35 -10.30 24.49
N ALA A 118 17.02 -10.40 25.65
CA ALA A 118 17.66 -9.23 26.26
C ALA A 118 18.74 -8.66 25.33
N ALA A 119 19.46 -9.53 24.60
CA ALA A 119 20.47 -9.06 23.68
C ALA A 119 19.84 -8.26 22.54
N VAL A 120 18.72 -8.75 21.98
CA VAL A 120 18.05 -8.02 20.93
C VAL A 120 17.52 -6.68 21.46
N CYS A 121 16.85 -6.72 22.63
CA CYS A 121 16.27 -5.51 23.20
C CYS A 121 17.34 -4.44 23.45
N ARG A 122 18.51 -4.85 23.98
CA ARG A 122 19.56 -3.89 24.23
C ARG A 122 19.96 -3.18 22.94
N GLU A 123 20.15 -3.92 21.84
CA GLU A 123 20.66 -3.33 20.62
C GLU A 123 19.62 -2.37 20.04
N CYS A 124 18.34 -2.75 20.14
CA CYS A 124 17.27 -1.89 19.64
C CYS A 124 17.12 -0.63 20.50
N LEU A 125 17.27 -0.79 21.81
CA LEU A 125 17.27 0.35 22.70
C LEU A 125 18.43 1.28 22.37
N GLN A 126 19.60 0.75 21.97
CA GLN A 126 20.72 1.61 21.58
C GLN A 126 20.37 2.44 20.34
N ALA A 127 19.74 1.82 19.33
CA ALA A 127 19.28 2.56 18.15
C ALA A 127 18.29 3.65 18.57
N LEU A 128 17.35 3.31 19.44
CA LEU A 128 16.30 4.26 19.83
C LEU A 128 16.88 5.42 20.65
N GLU A 129 17.83 5.12 21.54
CA GLU A 129 18.49 6.15 22.33
C GLU A 129 19.13 7.17 21.41
N PHE A 130 19.84 6.67 20.40
CA PHE A 130 20.52 7.51 19.44
C PHE A 130 19.51 8.35 18.66
N LEU A 131 18.43 7.74 18.12
CA LEU A 131 17.45 8.48 17.33
C LEU A 131 16.76 9.54 18.17
N HIS A 132 16.35 9.18 19.39
CA HIS A 132 15.55 10.06 20.21
C HIS A 132 16.39 11.25 20.67
N SER A 133 17.69 11.02 20.90
CA SER A 133 18.64 12.07 21.21
C SER A 133 18.83 13.00 20.02
N ASN A 134 18.59 12.49 18.81
CA ASN A 134 18.63 13.28 17.59
C ASN A 134 17.24 13.79 17.17
N GLN A 135 16.26 13.77 18.07
CA GLN A 135 14.93 14.28 17.84
C GLN A 135 14.23 13.58 16.68
N VAL A 136 14.39 12.27 16.60
CA VAL A 136 13.67 11.48 15.59
C VAL A 136 12.86 10.40 16.31
N ILE A 137 11.58 10.31 15.97
CA ILE A 137 10.72 9.23 16.44
C ILE A 137 10.47 8.29 15.26
N HIS A 138 10.66 6.98 15.49
CA HIS A 138 10.65 6.04 14.39
C HIS A 138 9.23 5.79 13.97
N ARG A 139 8.40 5.44 14.98
CA ARG A 139 6.97 5.27 14.90
C ARG A 139 6.55 3.94 14.28
N ASN A 140 7.48 3.13 13.78
CA ASN A 140 7.09 1.84 13.21
C ASN A 140 7.99 0.70 13.69
N ILE A 141 8.31 0.68 14.97
CA ILE A 141 9.10 -0.41 15.56
C ILE A 141 8.27 -1.70 15.56
N LYS A 142 8.85 -2.76 15.02
CA LYS A 142 8.29 -4.10 15.02
C LYS A 142 9.37 -5.07 14.54
N SER A 143 9.15 -6.38 14.68
CA SER A 143 10.17 -7.38 14.33
C SER A 143 10.52 -7.30 12.85
N ASP A 144 9.57 -6.82 12.05
CA ASP A 144 9.71 -6.83 10.61
C ASP A 144 10.79 -5.82 10.19
N ASN A 145 11.08 -4.84 11.06
CA ASN A 145 12.02 -3.79 10.74
C ASN A 145 13.36 -4.01 11.44
N ILE A 146 13.53 -5.17 12.08
CA ILE A 146 14.80 -5.55 12.68
C ILE A 146 15.46 -6.59 11.80
N LEU A 147 16.72 -6.31 11.48
CA LEU A 147 17.56 -7.15 10.65
C LEU A 147 18.70 -7.68 11.50
N LEU A 148 19.04 -8.95 11.25
CA LEU A 148 20.05 -9.67 12.01
C LEU A 148 21.22 -10.02 11.08
N GLY A 149 22.44 -9.69 11.50
CA GLY A 149 23.63 -10.02 10.72
C GLY A 149 24.07 -11.46 10.94
N MET A 150 24.87 -12.02 10.02
CA MET A 150 25.41 -13.35 10.23
C MET A 150 26.37 -13.37 11.42
N ASP A 151 26.87 -12.22 11.87
CA ASP A 151 27.59 -12.12 13.14
C ASP A 151 26.67 -11.85 14.34
N GLY A 152 25.36 -11.85 14.13
CA GLY A 152 24.44 -11.53 15.20
C GLY A 152 24.24 -10.02 15.37
N SER A 153 24.82 -9.21 14.47
CA SER A 153 24.54 -7.79 14.43
C SER A 153 23.04 -7.60 14.43
N VAL A 154 22.53 -6.58 15.12
CA VAL A 154 21.13 -6.28 15.12
C VAL A 154 20.95 -4.87 14.57
N LYS A 155 20.13 -4.70 13.53
CA LYS A 155 19.98 -3.33 13.02
C LYS A 155 18.53 -2.97 12.71
N LEU A 156 18.17 -1.74 13.01
CA LEU A 156 16.88 -1.18 12.73
C LEU A 156 16.85 -0.59 11.32
N THR A 157 15.72 -0.75 10.64
CA THR A 157 15.48 -0.15 9.34
C THR A 157 14.09 0.48 9.27
N ASP A 158 13.79 1.04 8.08
CA ASP A 158 12.50 1.61 7.67
C ASP A 158 12.22 2.97 8.32
N PHE A 159 12.54 4.06 7.60
CA PHE A 159 12.31 5.40 8.12
C PHE A 159 11.14 6.04 7.40
N GLY A 160 10.34 5.19 6.74
CA GLY A 160 9.19 5.64 5.97
C GLY A 160 8.13 6.36 6.80
N PHE A 161 8.07 6.15 8.12
CA PHE A 161 7.00 6.71 8.91
C PHE A 161 7.55 7.60 10.00
N CYS A 162 8.86 7.90 10.01
CA CYS A 162 9.43 8.54 11.18
C CYS A 162 9.01 10.01 11.23
N ALA A 163 9.27 10.66 12.37
CA ALA A 163 8.96 12.08 12.55
C ALA A 163 10.15 12.78 13.16
N GLN A 164 10.47 14.00 12.69
CA GLN A 164 11.44 14.82 13.40
C GLN A 164 10.68 15.75 14.33
N ILE A 165 11.15 15.85 15.57
CA ILE A 165 10.56 16.80 16.49
C ILE A 165 11.55 17.94 16.75
N THR A 166 11.08 18.97 17.44
CA THR A 166 11.91 20.10 17.83
C THR A 166 11.46 20.56 19.20
N PRO A 167 12.29 21.31 19.97
CA PRO A 167 11.83 21.92 21.21
C PRO A 167 10.55 22.74 21.02
N GLU A 168 10.41 23.38 19.85
CA GLU A 168 9.23 24.18 19.54
C GLU A 168 8.00 23.27 19.40
N GLN A 169 8.20 22.11 18.76
CA GLN A 169 7.11 21.18 18.49
C GLN A 169 7.56 19.78 18.93
N SER A 170 7.40 19.52 20.23
CA SER A 170 7.96 18.34 20.86
C SER A 170 7.10 17.11 20.62
N LYS A 171 5.89 17.31 20.08
CA LYS A 171 4.91 16.23 20.04
C LYS A 171 4.30 16.14 18.65
N ARG A 172 3.91 14.93 18.26
CA ARG A 172 3.19 14.74 17.02
C ARG A 172 1.77 14.32 17.34
N SER A 173 0.94 14.31 16.29
CA SER A 173 -0.46 13.95 16.41
C SER A 173 -0.96 13.15 15.21
N GLU A 174 -0.08 12.62 14.33
CA GLU A 174 -0.55 11.78 13.23
C GLU A 174 -0.72 10.33 13.74
N MET A 175 -1.82 9.69 13.32
CA MET A 175 -2.09 8.30 13.62
C MET A 175 -1.34 7.39 12.65
N VAL A 176 -0.06 7.19 12.95
CA VAL A 176 0.87 6.52 12.07
C VAL A 176 1.42 5.28 12.80
N GLY A 177 1.63 4.21 12.04
CA GLY A 177 2.29 3.00 12.51
C GLY A 177 1.60 1.76 11.95
N THR A 178 1.85 0.63 12.61
CA THR A 178 1.21 -0.63 12.31
C THR A 178 0.34 -0.97 13.51
N PRO A 179 -0.98 -1.13 13.32
CA PRO A 179 -1.93 -1.19 14.43
C PRO A 179 -1.54 -1.98 15.68
N TYR A 180 -1.14 -3.24 15.49
CA TYR A 180 -0.82 -4.12 16.62
C TYR A 180 0.32 -3.57 17.48
N TRP A 181 1.24 -2.76 16.92
CA TRP A 181 2.39 -2.24 17.65
C TRP A 181 2.19 -0.83 18.19
N MET A 182 1.04 -0.21 17.93
CA MET A 182 0.87 1.20 18.18
C MET A 182 0.55 1.44 19.65
N ALA A 183 1.15 2.48 20.20
CA ALA A 183 0.93 2.87 21.58
C ALA A 183 -0.45 3.49 21.73
N PRO A 184 -1.12 3.30 22.90
CA PRO A 184 -2.46 3.83 23.14
C PRO A 184 -2.63 5.31 22.83
N GLU A 185 -1.65 6.14 23.20
CA GLU A 185 -1.73 7.58 22.97
C GLU A 185 -1.83 7.87 21.47
N VAL A 186 -1.25 7.01 20.63
CA VAL A 186 -1.30 7.16 19.20
C VAL A 186 -2.68 6.72 18.71
N VAL A 187 -3.17 5.60 19.21
CA VAL A 187 -4.42 5.01 18.75
C VAL A 187 -5.57 5.96 19.12
N THR A 188 -5.42 6.72 20.23
CA THR A 188 -6.52 7.53 20.72
C THR A 188 -6.31 9.00 20.41
N ARG A 189 -5.34 9.30 19.53
CA ARG A 189 -5.17 10.63 18.96
C ARG A 189 -4.82 11.65 20.05
N LYS A 190 -3.98 11.27 21.00
CA LYS A 190 -3.39 12.24 21.92
C LYS A 190 -2.03 12.65 21.38
N ALA A 191 -1.56 13.82 21.80
CA ALA A 191 -0.23 14.29 21.45
C ALA A 191 0.80 13.32 22.02
N TYR A 192 1.82 12.95 21.24
CA TYR A 192 2.73 11.92 21.67
C TYR A 192 4.16 12.25 21.27
N GLY A 193 5.07 11.55 21.95
CA GLY A 193 6.49 11.81 21.91
C GLY A 193 7.28 10.53 21.66
N PRO A 194 8.60 10.57 21.87
CA PRO A 194 9.45 9.44 21.51
C PRO A 194 9.09 8.13 22.20
N LYS A 195 8.35 8.20 23.30
CA LYS A 195 8.08 7.01 24.10
C LYS A 195 7.09 6.08 23.40
N VAL A 196 6.50 6.52 22.30
CA VAL A 196 5.70 5.59 21.51
C VAL A 196 6.58 4.46 20.97
N ASP A 197 7.87 4.71 20.74
CA ASP A 197 8.80 3.71 20.25
C ASP A 197 9.09 2.69 21.34
N ILE A 198 9.04 3.12 22.59
CA ILE A 198 9.35 2.24 23.70
C ILE A 198 8.19 1.27 23.87
N TRP A 199 6.97 1.77 23.72
CA TRP A 199 5.82 0.90 23.72
C TRP A 199 5.95 -0.16 22.62
N SER A 200 6.26 0.26 21.40
CA SER A 200 6.34 -0.65 20.28
C SER A 200 7.42 -1.71 20.54
N LEU A 201 8.47 -1.29 21.20
CA LEU A 201 9.55 -2.19 21.56
C LEU A 201 9.03 -3.26 22.53
N GLY A 202 8.19 -2.84 23.48
CA GLY A 202 7.53 -3.74 24.41
C GLY A 202 6.70 -4.74 23.64
N ILE A 203 5.98 -4.29 22.62
CA ILE A 203 5.18 -5.20 21.81
C ILE A 203 6.10 -6.17 21.06
N MET A 204 7.25 -5.71 20.59
CA MET A 204 8.19 -6.57 19.90
C MET A 204 8.76 -7.62 20.88
N ALA A 205 8.91 -7.26 22.14
CA ALA A 205 9.34 -8.21 23.17
C ALA A 205 8.28 -9.30 23.38
N ILE A 206 7.01 -8.94 23.31
CA ILE A 206 5.96 -9.94 23.33
C ILE A 206 6.00 -10.84 22.10
N GLU A 207 6.31 -10.32 20.92
CA GLU A 207 6.56 -11.16 19.75
C GLU A 207 7.64 -12.20 20.02
N MET A 208 8.72 -11.79 20.67
CA MET A 208 9.84 -12.67 20.91
C MET A 208 9.46 -13.76 21.93
N ILE A 209 8.57 -13.44 22.87
CA ILE A 209 8.05 -14.40 23.85
C ILE A 209 7.00 -15.32 23.22
N GLU A 210 6.01 -14.79 22.54
CA GLU A 210 4.81 -15.54 22.16
C GLU A 210 4.68 -15.82 20.67
N GLY A 211 5.49 -15.16 19.83
CA GLY A 211 5.51 -15.38 18.39
C GLY A 211 4.70 -14.34 17.61
N GLU A 212 3.88 -13.57 18.33
CA GLU A 212 2.94 -12.64 17.70
C GLU A 212 2.72 -11.45 18.64
N PRO A 213 2.41 -10.24 18.13
CA PRO A 213 1.96 -9.14 18.97
C PRO A 213 0.57 -9.52 19.51
N PRO A 214 0.07 -8.92 20.60
CA PRO A 214 -1.31 -9.13 21.04
C PRO A 214 -2.32 -8.81 19.95
N TYR A 215 -3.38 -9.63 19.86
CA TYR A 215 -4.57 -9.43 19.05
C TYR A 215 -4.35 -9.69 17.55
N LEU A 216 -3.26 -10.37 17.18
CA LEU A 216 -2.95 -10.56 15.76
C LEU A 216 -4.00 -11.40 15.03
N ASN A 217 -4.72 -12.25 15.77
CA ASN A 217 -5.75 -13.06 15.14
C ASN A 217 -6.92 -12.15 14.77
N GLU A 218 -7.02 -10.97 15.39
CA GLU A 218 -8.10 -10.04 15.06
C GLU A 218 -7.75 -9.16 13.85
N ASN A 219 -8.78 -8.53 13.27
CA ASN A 219 -8.58 -7.61 12.16
C ASN A 219 -7.98 -6.32 12.72
N PRO A 220 -7.26 -5.52 11.89
CA PRO A 220 -6.59 -4.30 12.35
C PRO A 220 -7.44 -3.28 13.10
N LEU A 221 -8.67 -3.04 12.63
CA LEU A 221 -9.55 -2.09 13.31
C LEU A 221 -9.95 -2.59 14.69
N ARG A 222 -10.29 -3.86 14.78
CA ARG A 222 -10.57 -4.48 16.06
C ARG A 222 -9.35 -4.35 16.99
N ALA A 223 -8.13 -4.55 16.46
CA ALA A 223 -6.97 -4.47 17.34
C ALA A 223 -6.82 -3.06 17.87
N LEU A 224 -7.15 -2.04 17.06
CA LEU A 224 -7.07 -0.65 17.50
C LEU A 224 -8.06 -0.42 18.63
N TYR A 225 -9.27 -0.95 18.50
CA TYR A 225 -10.27 -0.88 19.56
C TYR A 225 -9.75 -1.55 20.84
N LEU A 226 -9.19 -2.75 20.72
CA LEU A 226 -8.66 -3.48 21.87
C LEU A 226 -7.52 -2.73 22.55
N ILE A 227 -6.61 -2.12 21.76
CA ILE A 227 -5.55 -1.31 22.37
C ILE A 227 -6.15 -0.13 23.12
N ALA A 228 -7.10 0.58 22.50
CA ALA A 228 -7.74 1.72 23.15
C ALA A 228 -8.44 1.32 24.46
N THR A 229 -9.05 0.14 24.50
CA THR A 229 -9.83 -0.22 25.67
C THR A 229 -9.03 -1.00 26.73
N ASN A 230 -8.07 -1.85 26.35
CA ASN A 230 -7.35 -2.64 27.35
C ASN A 230 -6.16 -1.90 27.96
N GLY A 231 -5.52 -1.02 27.18
CA GLY A 231 -4.24 -0.49 27.62
C GLY A 231 -3.14 -1.55 27.58
N THR A 232 -2.38 -1.68 28.68
CA THR A 232 -1.30 -2.65 28.82
C THR A 232 -1.81 -4.03 28.46
N PRO A 233 -1.26 -4.70 27.42
CA PRO A 233 -1.76 -6.02 27.04
C PRO A 233 -1.28 -7.03 28.07
N GLU A 234 -1.99 -8.14 28.15
CA GLU A 234 -1.63 -9.23 29.05
C GLU A 234 -1.04 -10.36 28.22
N LEU A 235 -0.03 -11.01 28.81
CA LEU A 235 0.59 -12.18 28.22
C LEU A 235 -0.30 -13.41 28.41
N GLN A 236 -0.18 -14.36 27.47
CA GLN A 236 -0.85 -15.64 27.56
C GLN A 236 -0.46 -16.38 28.83
N ASN A 237 0.84 -16.39 29.17
CA ASN A 237 1.36 -17.18 30.27
C ASN A 237 2.45 -16.39 30.97
N PRO A 238 2.10 -15.38 31.76
CA PRO A 238 3.12 -14.52 32.36
C PRO A 238 4.00 -15.24 33.36
N GLU A 239 3.50 -16.38 33.87
CA GLU A 239 4.21 -17.14 34.89
C GLU A 239 5.48 -17.76 34.31
N LYS A 240 5.56 -17.85 32.99
CA LYS A 240 6.74 -18.38 32.32
C LYS A 240 7.93 -17.42 32.34
N LEU A 241 7.78 -16.17 32.76
CA LEU A 241 8.85 -15.19 32.64
C LEU A 241 9.53 -14.92 33.97
N SER A 242 10.82 -14.58 33.93
CA SER A 242 11.48 -14.09 35.14
C SER A 242 10.76 -12.85 35.64
N ALA A 243 10.92 -12.57 36.94
CA ALA A 243 10.43 -11.32 37.52
C ALA A 243 11.06 -10.10 36.83
N ILE A 244 12.35 -10.13 36.53
CA ILE A 244 13.02 -8.94 36.03
C ILE A 244 12.57 -8.65 34.60
N PHE A 245 12.34 -9.71 33.82
CA PHE A 245 11.79 -9.58 32.47
C PHE A 245 10.38 -9.02 32.54
N ARG A 246 9.52 -9.57 33.41
CA ARG A 246 8.19 -9.03 33.58
CA ARG A 246 8.19 -9.04 33.60
C ARG A 246 8.27 -7.55 33.98
N ASP A 247 9.25 -7.20 34.81
CA ASP A 247 9.42 -5.81 35.20
C ASP A 247 9.78 -4.94 33.99
N PHE A 248 10.71 -5.41 33.16
CA PHE A 248 11.14 -4.66 31.99
C PHE A 248 9.94 -4.39 31.09
N LEU A 249 9.18 -5.44 30.83
CA LEU A 249 7.98 -5.37 30.03
C LEU A 249 7.02 -4.34 30.60
N ASN A 250 6.82 -4.38 31.92
CA ASN A 250 5.90 -3.45 32.55
C ASN A 250 6.38 -2.01 32.34
N ARG A 251 7.70 -1.77 32.30
CA ARG A 251 8.22 -0.42 32.16
C ARG A 251 8.09 0.08 30.70
N CYS A 252 8.20 -0.84 29.73
CA CYS A 252 8.03 -0.52 28.32
C CYS A 252 6.56 -0.24 28.03
N LEU A 253 5.66 -0.94 28.76
CA LEU A 253 4.24 -0.99 28.40
C LEU A 253 3.34 -0.27 29.41
N GLU A 254 3.92 0.70 30.11
CA GLU A 254 3.18 1.60 30.99
C GLU A 254 2.25 2.52 30.20
N MET A 255 1.01 2.60 30.69
CA MET A 255 0.00 3.50 30.17
C MET A 255 0.37 4.95 30.47
N ASP A 256 0.91 5.22 31.66
CA ASP A 256 1.29 6.59 31.98
C ASP A 256 2.59 6.93 31.24
N VAL A 257 2.48 7.86 30.28
CA VAL A 257 3.61 8.15 29.40
C VAL A 257 4.81 8.62 30.22
N GLU A 258 4.56 9.48 31.21
CA GLU A 258 5.63 10.02 32.04
C GLU A 258 6.32 8.91 32.83
N LYS A 259 5.59 7.86 33.23
CA LYS A 259 6.14 6.73 33.96
C LYS A 259 6.80 5.68 33.04
N ARG A 260 6.41 5.61 31.77
CA ARG A 260 7.07 4.73 30.83
C ARG A 260 8.56 5.08 30.75
N GLY A 261 9.39 4.03 30.73
CA GLY A 261 10.82 4.18 30.53
C GLY A 261 11.17 4.90 29.20
N SER A 262 12.15 5.79 29.31
CA SER A 262 12.88 6.33 28.17
C SER A 262 13.84 5.24 27.72
N ALA A 263 14.39 5.38 26.51
CA ALA A 263 15.36 4.42 26.02
C ALA A 263 16.62 4.46 26.88
N LYS A 264 17.03 5.66 27.29
CA LYS A 264 18.19 5.84 28.16
C LYS A 264 17.97 5.11 29.50
N GLU A 265 16.83 5.33 30.15
CA GLU A 265 16.53 4.67 31.41
C GLU A 265 16.57 3.15 31.24
N LEU A 266 15.95 2.65 30.17
CA LEU A 266 15.78 1.22 29.97
C LEU A 266 17.10 0.50 29.70
N LEU A 267 18.07 1.20 29.09
CA LEU A 267 19.38 0.61 28.85
C LEU A 267 20.08 0.23 30.16
N GLN A 268 19.62 0.75 31.31
CA GLN A 268 20.23 0.42 32.59
C GLN A 268 19.36 -0.56 33.37
N HIS A 269 18.34 -1.11 32.72
CA HIS A 269 17.48 -2.06 33.40
C HIS A 269 18.24 -3.37 33.64
N GLN A 270 17.89 -4.06 34.73
CA GLN A 270 18.53 -5.29 35.16
C GLN A 270 18.35 -6.40 34.13
N PHE A 271 17.18 -6.44 33.49
CA PHE A 271 16.90 -7.43 32.45
C PHE A 271 18.05 -7.49 31.45
N LEU A 272 18.58 -6.33 31.02
CA LEU A 272 19.59 -6.32 29.97
C LEU A 272 20.89 -6.97 30.43
N LYS A 273 21.12 -7.04 31.74
CA LYS A 273 22.37 -7.54 32.29
C LYS A 273 22.50 -9.04 32.05
N ILE A 274 21.38 -9.73 31.77
CA ILE A 274 21.44 -11.15 31.47
C ILE A 274 21.65 -11.37 29.98
N ALA A 275 21.87 -10.31 29.20
CA ALA A 275 21.99 -10.48 27.76
C ALA A 275 23.09 -11.49 27.47
N LYS A 276 22.79 -12.41 26.55
CA LYS A 276 23.82 -13.22 25.95
C LYS A 276 24.61 -12.38 24.96
N PRO A 277 25.85 -12.80 24.63
CA PRO A 277 26.60 -12.21 23.50
C PRO A 277 25.80 -12.40 22.22
N LEU A 278 26.07 -11.51 21.26
CA LEU A 278 25.32 -11.45 20.02
C LEU A 278 25.57 -12.70 19.18
N SER A 279 26.71 -13.38 19.39
CA SER A 279 26.94 -14.62 18.68
C SER A 279 25.85 -15.63 19.03
N SER A 280 25.16 -15.45 20.17
CA SER A 280 24.09 -16.34 20.60
C SER A 280 22.90 -16.30 19.65
N LEU A 281 22.82 -15.29 18.80
CA LEU A 281 21.68 -15.19 17.90
C LEU A 281 21.89 -15.93 16.59
N THR A 282 23.13 -16.34 16.27
CA THR A 282 23.35 -16.91 14.97
C THR A 282 22.70 -18.29 14.84
N PRO A 283 22.57 -19.11 15.92
CA PRO A 283 21.81 -20.35 15.82
C PRO A 283 20.32 -20.13 15.54
N LEU A 284 19.74 -19.04 16.03
CA LEU A 284 18.35 -18.66 15.69
C LEU A 284 18.21 -18.37 14.21
N ILE A 285 19.18 -17.64 13.65
CA ILE A 285 19.16 -17.32 12.25
C ILE A 285 19.23 -18.58 11.40
N ALA A 286 20.10 -19.52 11.79
CA ALA A 286 20.22 -20.78 11.10
C ALA A 286 18.91 -21.55 11.18
N ALA A 287 18.30 -21.59 12.36
CA ALA A 287 17.03 -22.28 12.53
C ALA A 287 15.95 -21.66 11.63
N ALA A 288 15.89 -20.33 11.58
CA ALA A 288 14.86 -19.63 10.81
C ALA A 288 15.03 -19.88 9.31
N LYS A 289 16.28 -19.81 8.82
CA LYS A 289 16.54 -20.12 7.42
C LYS A 289 16.09 -21.55 7.10
N GLU A 290 16.43 -22.52 7.96
CA GLU A 290 15.96 -23.88 7.75
C GLU A 290 14.43 -23.98 7.77
N ALA A 291 13.77 -23.24 8.66
CA ALA A 291 12.32 -23.37 8.80
C ALA A 291 11.59 -22.78 7.59
N THR A 292 12.17 -21.77 6.95
CA THR A 292 11.51 -21.08 5.84
C THR A 292 12.07 -21.52 4.48
N LYS A 293 12.88 -22.59 4.46
CA LYS A 293 13.52 -23.10 3.26
C LYS A 293 12.82 -22.59 1.98
N LYS B 7 -2.07 -25.07 -22.43
CA LYS B 7 -2.04 -24.85 -23.90
C LYS B 7 -2.33 -23.37 -24.16
N LEU B 8 -1.34 -22.52 -23.87
CA LEU B 8 -1.32 -21.15 -24.39
C LEU B 8 -1.46 -21.21 -25.91
N ARG B 9 -0.60 -22.06 -26.52
CA ARG B 9 -0.53 -22.26 -27.96
C ARG B 9 -1.91 -22.50 -28.56
N SER B 10 -2.87 -22.92 -27.73
CA SER B 10 -4.23 -23.12 -28.18
C SER B 10 -4.96 -21.78 -28.37
N ILE B 11 -4.67 -20.78 -27.53
CA ILE B 11 -5.44 -19.54 -27.48
C ILE B 11 -4.84 -18.50 -28.41
N VAL B 12 -3.54 -18.24 -28.22
CA VAL B 12 -2.80 -17.23 -28.95
C VAL B 12 -3.07 -17.33 -30.45
N SER B 13 -2.85 -16.23 -31.18
CA SER B 13 -2.92 -16.21 -32.63
C SER B 13 -1.54 -16.48 -33.24
N VAL B 14 -1.55 -16.72 -34.55
CA VAL B 14 -0.33 -16.89 -35.33
C VAL B 14 -0.31 -15.76 -36.35
N GLY B 15 0.90 -15.35 -36.71
CA GLY B 15 1.12 -14.04 -37.30
C GLY B 15 2.13 -13.31 -36.41
N ASP B 16 2.99 -12.53 -37.04
CA ASP B 16 4.01 -11.78 -36.32
C ASP B 16 3.38 -10.46 -35.93
N PRO B 17 3.13 -10.21 -34.63
CA PRO B 17 2.59 -8.94 -34.20
C PRO B 17 3.57 -7.78 -34.36
N LYS B 18 4.85 -8.07 -34.62
CA LYS B 18 5.81 -7.01 -34.89
C LYS B 18 5.58 -6.44 -36.30
N LYS B 19 4.97 -7.24 -37.19
CA LYS B 19 4.58 -6.78 -38.50
C LYS B 19 3.19 -6.13 -38.49
N LYS B 20 2.27 -6.64 -37.65
CA LYS B 20 0.87 -6.24 -37.69
C LYS B 20 0.63 -4.89 -37.00
N TYR B 21 1.51 -4.51 -36.06
CA TYR B 21 1.38 -3.27 -35.29
C TYR B 21 2.64 -2.42 -35.46
N THR B 22 2.48 -1.10 -35.33
CA THR B 22 3.56 -0.15 -35.44
C THR B 22 3.35 0.94 -34.39
N ARG B 23 4.29 1.91 -34.33
CA ARG B 23 4.23 3.06 -33.44
C ARG B 23 4.07 2.69 -31.98
N PHE B 24 4.87 1.74 -31.48
CA PHE B 24 4.81 1.41 -30.07
C PHE B 24 5.30 2.59 -29.23
N GLU B 25 4.62 2.78 -28.08
CA GLU B 25 4.91 3.86 -27.15
C GLU B 25 4.54 3.37 -25.75
N LYS B 26 5.55 3.28 -24.87
CA LYS B 26 5.37 2.74 -23.53
C LYS B 26 4.43 3.66 -22.75
N ILE B 27 3.52 3.07 -21.97
CA ILE B 27 2.56 3.85 -21.20
C ILE B 27 2.48 3.37 -19.74
N GLY B 28 3.59 2.84 -19.21
CA GLY B 28 3.60 2.24 -17.88
C GLY B 28 3.72 0.72 -17.97
N GLN B 29 3.85 0.06 -16.80
CA GLN B 29 4.26 -1.34 -16.78
C GLN B 29 4.03 -1.99 -15.42
N GLY B 30 4.68 -3.14 -15.22
CA GLY B 30 4.67 -3.89 -13.97
C GLY B 30 5.37 -5.23 -14.17
N ALA B 31 5.50 -6.01 -13.08
CA ALA B 31 5.83 -7.42 -13.19
C ALA B 31 4.65 -8.18 -13.78
N SER B 32 3.47 -7.54 -13.69
CA SER B 32 2.26 -7.92 -14.42
C SER B 32 2.51 -7.91 -15.93
N GLY B 33 3.36 -6.98 -16.41
CA GLY B 33 3.75 -6.88 -17.81
C GLY B 33 3.77 -5.43 -18.26
N THR B 34 4.63 -5.09 -19.23
CA THR B 34 4.72 -3.73 -19.75
C THR B 34 3.55 -3.47 -20.72
N VAL B 35 3.02 -2.24 -20.69
CA VAL B 35 1.93 -1.88 -21.56
C VAL B 35 2.40 -0.79 -22.53
N TYR B 36 2.09 -1.00 -23.82
CA TYR B 36 2.41 -0.09 -24.89
C TYR B 36 1.13 0.26 -25.65
N THR B 37 1.06 1.48 -26.20
CA THR B 37 0.07 1.77 -27.22
C THR B 37 0.74 1.48 -28.55
N ALA B 38 -0.06 1.09 -29.54
CA ALA B 38 0.45 0.79 -30.87
C ALA B 38 -0.71 1.00 -31.84
N MET B 39 -0.41 0.88 -33.14
CA MET B 39 -1.40 1.05 -34.19
C MET B 39 -1.33 -0.17 -35.10
N ASP B 40 -2.49 -0.72 -35.41
CA ASP B 40 -2.68 -1.70 -36.46
C ASP B 40 -2.33 -1.07 -37.81
N VAL B 41 -1.33 -1.68 -38.48
CA VAL B 41 -0.79 -1.08 -39.68
C VAL B 41 -1.81 -1.21 -40.82
N ALA B 42 -2.69 -2.21 -40.77
CA ALA B 42 -3.64 -2.46 -41.84
C ALA B 42 -4.91 -1.60 -41.71
N THR B 43 -5.34 -1.26 -40.48
CA THR B 43 -6.60 -0.58 -40.28
C THR B 43 -6.46 0.79 -39.63
N GLY B 44 -5.36 1.06 -38.94
CA GLY B 44 -5.20 2.34 -38.25
C GLY B 44 -5.82 2.35 -36.85
N GLN B 45 -6.42 1.22 -36.46
CA GLN B 45 -7.00 1.07 -35.13
C GLN B 45 -5.91 1.21 -34.06
N GLU B 46 -6.15 2.06 -33.05
CA GLU B 46 -5.20 2.19 -31.94
C GLU B 46 -5.47 1.06 -30.93
N VAL B 47 -4.42 0.49 -30.36
CA VAL B 47 -4.57 -0.64 -29.44
C VAL B 47 -3.63 -0.45 -28.24
N ALA B 48 -3.89 -1.24 -27.19
CA ALA B 48 -2.99 -1.33 -26.06
C ALA B 48 -2.45 -2.75 -26.01
N ILE B 49 -1.13 -2.88 -25.87
CA ILE B 49 -0.50 -4.18 -25.88
C ILE B 49 0.25 -4.40 -24.57
N LYS B 50 -0.18 -5.43 -23.81
CA LYS B 50 0.52 -5.87 -22.62
C LYS B 50 1.49 -6.97 -23.02
N GLN B 51 2.78 -6.72 -22.79
CA GLN B 51 3.84 -7.69 -23.03
C GLN B 51 4.33 -8.21 -21.68
N MET B 52 4.22 -9.53 -21.47
CA MET B 52 4.57 -10.14 -20.20
C MET B 52 5.57 -11.26 -20.44
N ASN B 53 6.66 -11.28 -19.66
CA ASN B 53 7.64 -12.34 -19.73
C ASN B 53 7.09 -13.59 -19.04
N LEU B 54 6.75 -14.61 -19.84
CA LEU B 54 6.12 -15.83 -19.33
C LEU B 54 7.05 -16.58 -18.39
N GLN B 55 8.37 -16.37 -18.50
CA GLN B 55 9.32 -16.97 -17.58
C GLN B 55 8.80 -16.80 -16.16
N GLN B 56 8.62 -15.55 -15.73
CA GLN B 56 8.02 -15.27 -14.43
C GLN B 56 6.60 -15.82 -14.41
N GLN B 57 6.31 -16.67 -13.41
CA GLN B 57 5.02 -17.35 -13.29
C GLN B 57 4.31 -16.91 -12.01
N PRO B 58 3.93 -15.61 -11.87
CA PRO B 58 3.03 -15.18 -10.79
C PRO B 58 1.57 -15.28 -11.22
N LYS B 59 0.85 -16.24 -10.64
CA LYS B 59 -0.52 -16.56 -11.03
C LYS B 59 -0.52 -17.14 -12.44
N LYS B 60 0.56 -17.84 -12.81
CA LYS B 60 0.79 -18.36 -14.15
C LYS B 60 -0.49 -19.01 -14.71
N GLU B 61 -1.15 -19.82 -13.87
CA GLU B 61 -2.38 -20.49 -14.25
C GLU B 61 -3.53 -19.50 -14.32
N LEU B 62 -3.55 -18.50 -13.43
CA LEU B 62 -4.60 -17.49 -13.43
C LEU B 62 -4.53 -16.68 -14.73
N ILE B 63 -3.32 -16.31 -15.16
CA ILE B 63 -3.16 -15.39 -16.29
C ILE B 63 -3.87 -15.99 -17.51
N ILE B 64 -3.48 -17.21 -17.88
CA ILE B 64 -4.14 -17.92 -18.97
C ILE B 64 -5.65 -17.90 -18.76
N ASN B 65 -6.10 -18.09 -17.52
CA ASN B 65 -7.54 -18.18 -17.25
C ASN B 65 -8.22 -16.81 -17.37
N GLU B 66 -7.53 -15.75 -16.91
CA GLU B 66 -8.01 -14.39 -17.07
C GLU B 66 -8.15 -14.07 -18.56
N ILE B 67 -7.22 -14.55 -19.39
CA ILE B 67 -7.27 -14.28 -20.82
C ILE B 67 -8.49 -14.99 -21.43
N LEU B 68 -8.79 -16.19 -20.95
CA LEU B 68 -9.87 -16.98 -21.50
C LEU B 68 -11.21 -16.39 -21.08
N VAL B 69 -11.24 -15.77 -19.89
CA VAL B 69 -12.39 -15.01 -19.42
C VAL B 69 -12.64 -13.81 -20.33
N MET B 70 -11.64 -12.91 -20.44
CA MET B 70 -11.79 -11.70 -21.23
C MET B 70 -12.21 -12.05 -22.64
N ARG B 71 -11.57 -13.10 -23.19
CA ARG B 71 -11.77 -13.49 -24.58
C ARG B 71 -13.26 -13.76 -24.84
N GLU B 72 -13.89 -14.54 -23.97
CA GLU B 72 -15.23 -15.00 -24.26
C GLU B 72 -16.27 -13.94 -23.90
N ASN B 73 -15.92 -13.04 -22.96
CA ASN B 73 -16.89 -12.13 -22.37
C ASN B 73 -16.57 -10.68 -22.74
N LYS B 74 -17.25 -10.16 -23.75
CA LYS B 74 -16.98 -8.81 -24.21
C LYS B 74 -18.18 -7.94 -23.87
N ASN B 75 -17.91 -6.68 -23.48
CA ASN B 75 -18.95 -5.71 -23.14
C ASN B 75 -18.51 -4.33 -23.62
N PRO B 76 -19.42 -3.54 -24.25
CA PRO B 76 -19.08 -2.17 -24.66
C PRO B 76 -18.55 -1.23 -23.59
N ASN B 77 -18.84 -1.50 -22.31
CA ASN B 77 -18.40 -0.61 -21.25
C ASN B 77 -17.16 -1.13 -20.55
N ILE B 78 -16.43 -2.07 -21.18
CA ILE B 78 -15.17 -2.55 -20.69
C ILE B 78 -14.12 -2.46 -21.80
N VAL B 79 -12.86 -2.24 -21.43
CA VAL B 79 -11.71 -2.40 -22.31
C VAL B 79 -11.58 -3.88 -22.65
N ASN B 80 -11.85 -4.21 -23.91
CA ASN B 80 -12.01 -5.59 -24.34
C ASN B 80 -10.69 -6.15 -24.85
N TYR B 81 -10.51 -7.47 -24.69
CA TYR B 81 -9.44 -8.22 -25.33
C TYR B 81 -9.65 -8.22 -26.84
N LEU B 82 -8.56 -8.06 -27.61
CA LEU B 82 -8.63 -8.17 -29.07
C LEU B 82 -7.90 -9.43 -29.52
N ASP B 83 -6.71 -9.71 -28.97
CA ASP B 83 -5.92 -10.83 -29.44
C ASP B 83 -4.72 -11.05 -28.54
N SER B 84 -3.97 -12.12 -28.85
CA SER B 84 -2.76 -12.42 -28.12
C SER B 84 -1.76 -13.15 -29.02
N TYR B 85 -0.50 -13.02 -28.65
CA TYR B 85 0.59 -13.62 -29.40
C TYR B 85 1.67 -14.10 -28.44
N LEU B 86 2.43 -15.12 -28.87
CA LEU B 86 3.64 -15.51 -28.18
C LEU B 86 4.84 -15.02 -28.99
N VAL B 87 5.67 -14.17 -28.38
CA VAL B 87 6.85 -13.62 -29.03
C VAL B 87 7.87 -13.19 -27.98
N GLY B 88 9.16 -13.40 -28.28
CA GLY B 88 10.25 -12.86 -27.48
C GLY B 88 10.33 -13.48 -26.09
N ASP B 89 10.02 -14.78 -25.99
CA ASP B 89 9.82 -15.47 -24.72
C ASP B 89 8.79 -14.72 -23.86
N GLU B 90 7.77 -14.19 -24.55
CA GLU B 90 6.82 -13.26 -23.94
C GLU B 90 5.42 -13.53 -24.50
N LEU B 91 4.41 -13.25 -23.66
CA LEU B 91 3.02 -13.20 -24.11
C LEU B 91 2.71 -11.75 -24.39
N TRP B 92 2.06 -11.52 -25.55
CA TRP B 92 1.54 -10.20 -25.88
C TRP B 92 0.03 -10.29 -25.87
N VAL B 93 -0.62 -9.48 -25.03
CA VAL B 93 -2.07 -9.37 -25.06
C VAL B 93 -2.46 -7.99 -25.58
N VAL B 94 -3.31 -7.98 -26.61
CA VAL B 94 -3.68 -6.74 -27.28
C VAL B 94 -5.12 -6.39 -26.88
N MET B 95 -5.28 -5.18 -26.34
CA MET B 95 -6.58 -4.67 -25.90
C MET B 95 -6.97 -3.49 -26.78
N GLU B 96 -8.26 -3.18 -26.78
CA GLU B 96 -8.73 -1.92 -27.35
C GLU B 96 -8.06 -0.77 -26.61
N TYR B 97 -7.83 0.33 -27.31
CA TYR B 97 -7.33 1.53 -26.69
C TYR B 97 -8.38 2.61 -26.86
N LEU B 98 -8.71 3.32 -25.79
CA LEU B 98 -9.77 4.33 -25.84
C LEU B 98 -9.09 5.67 -25.71
N ALA B 99 -9.08 6.43 -26.83
CA ALA B 99 -8.45 7.73 -26.84
C ALA B 99 -9.37 8.68 -26.11
N GLY B 100 -8.81 9.45 -25.19
CA GLY B 100 -9.64 10.22 -24.27
C GLY B 100 -8.82 10.60 -23.05
N GLY B 101 -9.50 10.63 -21.89
CA GLY B 101 -8.82 10.85 -20.64
C GLY B 101 -9.36 9.92 -19.55
N SER B 102 -8.60 9.76 -18.46
CA SER B 102 -9.13 9.11 -17.29
C SER B 102 -10.14 10.06 -16.66
N LEU B 103 -11.12 9.48 -15.99
CA LEU B 103 -12.09 10.23 -15.23
C LEU B 103 -11.36 11.06 -14.17
N THR B 104 -10.31 10.53 -13.55
CA THR B 104 -9.55 11.31 -12.57
C THR B 104 -9.14 12.67 -13.13
N ASP B 105 -8.60 12.72 -14.34
CA ASP B 105 -8.17 14.00 -14.94
C ASP B 105 -9.36 14.95 -15.16
N VAL B 106 -10.52 14.40 -15.57
CA VAL B 106 -11.71 15.17 -15.80
C VAL B 106 -12.18 15.74 -14.47
N VAL B 107 -12.15 14.92 -13.41
CA VAL B 107 -12.72 15.32 -12.14
C VAL B 107 -11.88 16.45 -11.55
N THR B 108 -10.57 16.39 -11.74
CA THR B 108 -9.68 17.36 -11.12
C THR B 108 -9.71 18.69 -11.90
N GLU B 109 -9.92 18.65 -13.21
CA GLU B 109 -9.77 19.85 -14.03
C GLU B 109 -11.09 20.48 -14.45
N THR B 110 -12.24 19.88 -14.11
CA THR B 110 -13.52 20.44 -14.53
C THR B 110 -14.47 20.32 -13.35
N CYS B 111 -15.62 20.99 -13.49
CA CYS B 111 -16.74 20.85 -12.59
C CYS B 111 -17.86 20.11 -13.30
N MET B 112 -18.01 18.81 -13.03
CA MET B 112 -19.01 18.02 -13.72
C MET B 112 -20.40 18.38 -13.16
N ASP B 113 -21.39 18.50 -14.03
CA ASP B 113 -22.75 18.69 -13.59
C ASP B 113 -23.41 17.33 -13.38
N GLU B 114 -24.57 17.35 -12.72
CA GLU B 114 -25.25 16.13 -12.30
C GLU B 114 -25.68 15.33 -13.53
N GLY B 115 -26.03 15.98 -14.63
CA GLY B 115 -26.35 15.27 -15.87
C GLY B 115 -25.17 14.43 -16.35
N GLN B 116 -23.96 14.97 -16.21
CA GLN B 116 -22.79 14.28 -16.74
C GLN B 116 -22.40 13.15 -15.79
N ILE B 117 -22.55 13.41 -14.50
CA ILE B 117 -22.27 12.39 -13.49
C ILE B 117 -23.23 11.23 -13.67
N ALA B 118 -24.52 11.52 -13.92
CA ALA B 118 -25.52 10.49 -14.17
C ALA B 118 -25.16 9.62 -15.38
N ALA B 119 -24.67 10.24 -16.45
CA ALA B 119 -24.30 9.48 -17.64
C ALA B 119 -23.14 8.54 -17.32
N VAL B 120 -22.16 9.03 -16.56
CA VAL B 120 -21.01 8.22 -16.18
C VAL B 120 -21.46 7.06 -15.29
N CYS B 121 -22.33 7.36 -14.34
CA CYS B 121 -22.78 6.35 -13.39
C CYS B 121 -23.52 5.22 -14.11
N ARG B 122 -24.38 5.60 -15.06
CA ARG B 122 -25.14 4.65 -15.86
C ARG B 122 -24.23 3.69 -16.62
N GLU B 123 -23.20 4.21 -17.32
CA GLU B 123 -22.35 3.37 -18.15
C GLU B 123 -21.54 2.44 -17.25
N CYS B 124 -21.09 2.96 -16.09
CA CYS B 124 -20.38 2.16 -15.08
C CYS B 124 -21.27 1.06 -14.53
N LEU B 125 -22.54 1.37 -14.25
CA LEU B 125 -23.46 0.35 -13.74
C LEU B 125 -23.73 -0.74 -14.78
N GLN B 126 -23.68 -0.40 -16.08
CA GLN B 126 -23.93 -1.36 -17.13
C GLN B 126 -22.76 -2.32 -17.17
N ALA B 127 -21.56 -1.80 -16.93
CA ALA B 127 -20.37 -2.62 -16.91
C ALA B 127 -20.45 -3.56 -15.72
N LEU B 128 -20.93 -3.06 -14.59
CA LEU B 128 -21.00 -3.83 -13.37
C LEU B 128 -22.07 -4.91 -13.47
N GLU B 129 -23.18 -4.59 -14.13
CA GLU B 129 -24.24 -5.56 -14.26
C GLU B 129 -23.71 -6.76 -15.04
N PHE B 130 -22.93 -6.50 -16.09
CA PHE B 130 -22.29 -7.54 -16.86
C PHE B 130 -21.26 -8.32 -16.05
N LEU B 131 -20.36 -7.63 -15.33
CA LEU B 131 -19.31 -8.29 -14.58
C LEU B 131 -19.94 -9.18 -13.49
N HIS B 132 -20.88 -8.61 -12.75
CA HIS B 132 -21.54 -9.32 -11.67
C HIS B 132 -22.24 -10.58 -12.16
N SER B 133 -22.79 -10.54 -13.37
CA SER B 133 -23.56 -11.64 -13.93
C SER B 133 -22.62 -12.75 -14.38
N ASN B 134 -21.33 -12.46 -14.51
CA ASN B 134 -20.31 -13.47 -14.76
C ASN B 134 -19.48 -13.71 -13.50
N GLN B 135 -20.04 -13.42 -12.31
CA GLN B 135 -19.40 -13.75 -11.04
C GLN B 135 -18.03 -13.06 -10.91
N VAL B 136 -17.86 -11.92 -11.55
CA VAL B 136 -16.68 -11.11 -11.35
C VAL B 136 -17.03 -9.96 -10.39
N ILE B 137 -16.18 -9.78 -9.37
CA ILE B 137 -16.17 -8.59 -8.55
C ILE B 137 -14.96 -7.76 -8.97
N HIS B 138 -15.19 -6.48 -9.28
CA HIS B 138 -14.10 -5.61 -9.72
C HIS B 138 -13.17 -5.25 -8.58
N ARG B 139 -13.70 -4.76 -7.47
CA ARG B 139 -12.95 -4.39 -6.28
C ARG B 139 -12.21 -3.05 -6.44
N ASN B 140 -12.04 -2.50 -7.63
CA ASN B 140 -11.31 -1.24 -7.76
C ASN B 140 -12.06 -0.21 -8.60
N ILE B 141 -13.37 -0.07 -8.36
CA ILE B 141 -14.14 0.96 -9.02
C ILE B 141 -13.75 2.30 -8.40
N LYS B 142 -12.94 3.05 -9.16
CA LYS B 142 -12.54 4.39 -8.81
C LYS B 142 -12.14 5.13 -10.10
N SER B 143 -11.99 6.44 -9.98
CA SER B 143 -11.90 7.32 -11.15
C SER B 143 -10.65 7.02 -12.00
N ASP B 144 -9.63 6.44 -11.40
CA ASP B 144 -8.42 6.12 -12.13
C ASP B 144 -8.65 4.96 -13.10
N ASN B 145 -9.74 4.21 -12.89
CA ASN B 145 -9.99 2.98 -13.63
C ASN B 145 -11.15 3.16 -14.62
N ILE B 146 -11.62 4.40 -14.77
CA ILE B 146 -12.63 4.71 -15.75
C ILE B 146 -12.01 5.57 -16.86
N LEU B 147 -12.24 5.18 -18.13
CA LEU B 147 -11.79 5.94 -19.30
C LEU B 147 -12.98 6.55 -20.02
N LEU B 148 -12.78 7.79 -20.49
CA LEU B 148 -13.81 8.60 -21.10
C LEU B 148 -13.35 8.86 -22.53
N GLY B 149 -14.12 8.37 -23.50
CA GLY B 149 -13.66 8.28 -24.88
C GLY B 149 -14.01 9.54 -25.65
N MET B 150 -13.09 10.00 -26.51
CA MET B 150 -13.35 11.21 -27.28
C MET B 150 -14.57 11.02 -28.18
N ASP B 151 -15.10 9.80 -28.30
CA ASP B 151 -16.30 9.59 -29.11
C ASP B 151 -17.56 9.75 -28.27
N GLY B 152 -17.42 10.13 -26.98
CA GLY B 152 -18.52 10.02 -26.05
C GLY B 152 -18.78 8.56 -25.71
N SER B 153 -17.91 7.98 -24.87
CA SER B 153 -18.05 6.61 -24.41
C SER B 153 -17.27 6.44 -23.11
N VAL B 154 -17.71 5.49 -22.29
CA VAL B 154 -17.16 5.27 -20.98
C VAL B 154 -16.82 3.79 -20.85
N LYS B 155 -15.61 3.48 -20.35
CA LYS B 155 -15.21 2.11 -20.17
C LYS B 155 -14.43 1.94 -18.87
N LEU B 156 -14.73 0.84 -18.17
CA LEU B 156 -13.93 0.31 -17.08
C LEU B 156 -12.62 -0.27 -17.59
N THR B 157 -11.68 -0.39 -16.66
CA THR B 157 -10.52 -1.27 -16.82
C THR B 157 -9.99 -1.73 -15.45
N ASP B 158 -9.03 -2.67 -15.50
CA ASP B 158 -8.17 -3.08 -14.40
C ASP B 158 -8.91 -3.92 -13.34
N PHE B 159 -9.53 -5.03 -13.78
CA PHE B 159 -10.26 -5.98 -12.93
C PHE B 159 -9.33 -7.18 -12.66
N GLY B 160 -9.14 -7.51 -11.38
CA GLY B 160 -8.40 -8.70 -10.96
C GLY B 160 -6.96 -8.71 -11.45
N GLN B 169 -3.03 -7.59 1.19
CA GLN B 169 -2.29 -6.73 2.14
C GLN B 169 -2.29 -7.37 3.52
N SER B 170 -1.08 -7.68 4.00
CA SER B 170 -0.85 -8.39 5.24
C SER B 170 -1.42 -7.60 6.41
N LYS B 171 -1.88 -8.27 7.44
CA LYS B 171 -2.18 -7.56 8.69
C LYS B 171 -0.91 -6.98 9.33
N ARG B 172 0.31 -7.40 8.91
CA ARG B 172 1.55 -6.88 9.46
C ARG B 172 2.00 -5.64 8.71
N SER B 173 1.23 -5.22 7.70
CA SER B 173 1.58 -4.14 6.81
C SER B 173 1.06 -2.82 7.33
N GLU B 174 1.76 -1.76 6.95
CA GLU B 174 1.30 -0.43 7.22
C GLU B 174 0.42 -0.08 6.05
N MET B 175 -0.35 0.96 6.24
CA MET B 175 -1.13 1.54 5.16
C MET B 175 -0.40 2.78 4.67
N VAL B 176 -0.10 2.77 3.38
CA VAL B 176 0.28 3.97 2.69
C VAL B 176 -0.89 4.26 1.74
N GLY B 177 -1.58 5.36 1.97
CA GLY B 177 -2.71 5.66 1.11
C GLY B 177 -4.03 5.15 1.69
N THR B 178 -5.06 5.94 1.44
CA THR B 178 -6.36 5.63 1.96
C THR B 178 -7.13 4.86 0.89
N PRO B 179 -7.71 3.69 1.24
CA PRO B 179 -8.53 2.92 0.30
C PRO B 179 -9.94 3.49 0.37
N TYR B 180 -10.08 4.75 -0.03
CA TYR B 180 -11.30 5.51 0.17
C TYR B 180 -12.49 4.91 -0.56
N TRP B 181 -12.27 4.06 -1.56
CA TRP B 181 -13.36 3.50 -2.33
C TRP B 181 -13.93 2.21 -1.73
N MET B 182 -13.29 1.69 -0.68
CA MET B 182 -13.67 0.40 -0.13
C MET B 182 -14.86 0.45 0.81
N ALA B 183 -15.74 -0.54 0.60
CA ALA B 183 -16.96 -0.73 1.38
C ALA B 183 -16.63 -1.13 2.82
N PRO B 184 -17.49 -0.78 3.79
CA PRO B 184 -17.22 -1.11 5.20
C PRO B 184 -16.93 -2.58 5.42
N GLU B 185 -17.59 -3.45 4.65
CA GLU B 185 -17.46 -4.89 4.84
C GLU B 185 -16.08 -5.34 4.36
N VAL B 186 -15.51 -4.64 3.37
CA VAL B 186 -14.18 -4.95 2.86
C VAL B 186 -13.17 -4.51 3.91
N VAL B 187 -13.36 -3.30 4.40
CA VAL B 187 -12.41 -2.67 5.29
C VAL B 187 -12.37 -3.43 6.61
N THR B 188 -13.49 -4.01 7.03
CA THR B 188 -13.46 -4.83 8.23
C THR B 188 -13.20 -6.30 7.93
N ARG B 189 -12.77 -6.60 6.70
CA ARG B 189 -12.27 -7.91 6.28
C ARG B 189 -13.33 -9.00 6.48
N LYS B 190 -14.60 -8.68 6.30
CA LYS B 190 -15.62 -9.70 6.22
C LYS B 190 -15.63 -10.34 4.83
N ALA B 191 -16.34 -11.47 4.72
CA ALA B 191 -16.70 -12.00 3.41
C ALA B 191 -17.57 -10.98 2.68
N TYR B 192 -17.33 -10.79 1.40
CA TYR B 192 -18.09 -9.78 0.69
C TYR B 192 -18.45 -10.24 -0.70
N GLY B 193 -19.40 -9.54 -1.32
CA GLY B 193 -19.88 -9.90 -2.64
C GLY B 193 -19.84 -8.72 -3.60
N PRO B 194 -20.52 -8.87 -4.76
CA PRO B 194 -20.55 -7.87 -5.81
C PRO B 194 -20.89 -6.45 -5.37
N LYS B 195 -21.70 -6.33 -4.33
CA LYS B 195 -22.20 -5.05 -3.88
C LYS B 195 -21.11 -4.14 -3.32
N VAL B 196 -19.88 -4.65 -3.12
CA VAL B 196 -18.78 -3.74 -2.82
C VAL B 196 -18.51 -2.80 -4.00
N ASP B 197 -18.85 -3.23 -5.21
CA ASP B 197 -18.66 -2.43 -6.41
C ASP B 197 -19.66 -1.26 -6.44
N ILE B 198 -20.86 -1.49 -5.90
CA ILE B 198 -21.91 -0.50 -5.85
C ILE B 198 -21.52 0.60 -4.86
N TRP B 199 -20.99 0.19 -3.73
CA TRP B 199 -20.43 1.10 -2.77
C TRP B 199 -19.39 1.99 -3.45
N SER B 200 -18.42 1.36 -4.13
CA SER B 200 -17.33 2.11 -4.73
C SER B 200 -17.87 3.14 -5.74
N LEU B 201 -18.91 2.77 -6.49
CA LEU B 201 -19.50 3.67 -7.46
C LEU B 201 -20.10 4.90 -6.77
N GLY B 202 -20.76 4.67 -5.63
CA GLY B 202 -21.24 5.72 -4.75
C GLY B 202 -20.15 6.69 -4.36
N ILE B 203 -19.00 6.14 -3.95
CA ILE B 203 -17.87 6.97 -3.57
C ILE B 203 -17.37 7.75 -4.78
N MET B 204 -17.35 7.10 -5.94
CA MET B 204 -16.90 7.74 -7.15
C MET B 204 -17.82 8.90 -7.56
N ALA B 205 -19.11 8.78 -7.30
CA ALA B 205 -20.06 9.84 -7.61
C ALA B 205 -19.85 11.04 -6.69
N ILE B 206 -19.50 10.81 -5.44
CA ILE B 206 -19.15 11.88 -4.52
C ILE B 206 -17.87 12.55 -4.99
N GLU B 207 -16.87 11.73 -5.37
CA GLU B 207 -15.65 12.28 -5.95
C GLU B 207 -15.94 13.23 -7.13
N MET B 208 -16.78 12.78 -8.08
CA MET B 208 -17.11 13.59 -9.24
C MET B 208 -17.73 14.94 -8.85
N ILE B 209 -18.67 14.96 -7.89
CA ILE B 209 -19.40 16.16 -7.54
C ILE B 209 -18.52 17.06 -6.65
N GLU B 210 -17.62 16.52 -5.82
CA GLU B 210 -16.81 17.33 -4.91
C GLU B 210 -15.46 17.66 -5.54
N GLY B 211 -15.08 16.94 -6.60
CA GLY B 211 -13.91 17.29 -7.36
C GLY B 211 -12.64 16.67 -6.78
N GLU B 212 -12.79 15.76 -5.83
CA GLU B 212 -11.64 15.10 -5.23
C GLU B 212 -12.14 13.90 -4.43
N PRO B 213 -11.30 12.87 -4.22
CA PRO B 213 -11.72 11.74 -3.39
C PRO B 213 -11.98 12.15 -1.95
N PRO B 214 -12.86 11.45 -1.24
CA PRO B 214 -13.05 11.68 0.19
C PRO B 214 -11.83 11.26 0.99
N TYR B 215 -11.70 11.82 2.20
CA TYR B 215 -10.76 11.45 3.24
C TYR B 215 -9.39 12.02 2.96
N LEU B 216 -9.30 12.99 2.04
CA LEU B 216 -8.02 13.57 1.64
C LEU B 216 -7.24 14.13 2.83
N ASN B 217 -7.92 14.74 3.79
CA ASN B 217 -7.21 15.36 4.88
C ASN B 217 -7.09 14.42 6.09
N GLU B 218 -7.35 13.11 5.94
CA GLU B 218 -7.32 12.18 7.07
C GLU B 218 -6.14 11.21 6.92
N ASN B 219 -5.50 10.85 8.03
CA ASN B 219 -4.65 9.67 8.11
C ASN B 219 -5.42 8.44 7.60
N PRO B 220 -4.76 7.54 6.87
CA PRO B 220 -5.40 6.30 6.43
C PRO B 220 -6.10 5.47 7.50
N LEU B 221 -5.44 5.27 8.66
CA LEU B 221 -6.03 4.47 9.72
C LEU B 221 -7.26 5.14 10.31
N ARG B 222 -7.27 6.47 10.36
CA ARG B 222 -8.46 7.20 10.77
C ARG B 222 -9.58 6.98 9.75
N ALA B 223 -9.22 7.05 8.46
CA ALA B 223 -10.20 6.91 7.39
C ALA B 223 -10.82 5.52 7.45
N LEU B 224 -10.01 4.49 7.77
CA LEU B 224 -10.50 3.13 7.88
C LEU B 224 -11.61 3.04 8.92
N TYR B 225 -11.34 3.64 10.07
CA TYR B 225 -12.30 3.72 11.15
C TYR B 225 -13.57 4.46 10.74
N LEU B 226 -13.43 5.61 10.05
CA LEU B 226 -14.59 6.37 9.63
C LEU B 226 -15.44 5.53 8.69
N ILE B 227 -14.79 4.83 7.77
CA ILE B 227 -15.52 4.06 6.79
C ILE B 227 -16.27 2.95 7.51
N ALA B 228 -15.54 2.22 8.37
CA ALA B 228 -16.13 1.06 9.04
C ALA B 228 -17.29 1.51 9.93
N THR B 229 -17.16 2.66 10.58
CA THR B 229 -18.09 3.05 11.63
C THR B 229 -19.25 3.85 11.05
N ASN B 230 -18.93 4.86 10.23
CA ASN B 230 -19.92 5.83 9.78
C ASN B 230 -20.45 5.43 8.41
N GLY B 231 -19.65 4.73 7.60
CA GLY B 231 -20.07 4.35 6.28
C GLY B 231 -19.73 5.45 5.28
N THR B 232 -20.77 6.19 4.83
CA THR B 232 -20.62 7.24 3.82
C THR B 232 -19.65 8.27 4.39
N PRO B 233 -18.85 8.92 3.54
CA PRO B 233 -18.12 10.10 3.97
C PRO B 233 -19.18 11.18 4.12
N GLU B 234 -18.85 12.16 4.96
CA GLU B 234 -19.66 13.35 5.16
C GLU B 234 -19.53 14.20 3.90
N LEU B 235 -20.66 14.47 3.24
CA LEU B 235 -20.64 15.35 2.08
C LEU B 235 -20.10 16.71 2.54
N GLN B 236 -19.13 17.24 1.82
CA GLN B 236 -18.58 18.55 2.15
C GLN B 236 -19.62 19.66 1.96
N ASN B 237 -20.52 19.51 0.97
CA ASN B 237 -21.49 20.56 0.67
C ASN B 237 -22.80 19.94 0.24
N PRO B 238 -23.52 19.26 1.15
CA PRO B 238 -24.69 18.46 0.76
C PRO B 238 -25.77 19.31 0.11
N GLU B 239 -25.81 20.60 0.46
CA GLU B 239 -26.82 21.53 -0.03
C GLU B 239 -26.72 21.70 -1.54
N LYS B 240 -25.55 21.43 -2.10
CA LYS B 240 -25.33 21.55 -3.53
C LYS B 240 -25.82 20.35 -4.33
N LEU B 241 -26.30 19.31 -3.67
CA LEU B 241 -26.74 18.10 -4.36
C LEU B 241 -28.26 18.11 -4.47
N SER B 242 -28.79 17.77 -5.65
CA SER B 242 -30.23 17.63 -5.80
C SER B 242 -30.72 16.46 -4.93
N ALA B 243 -32.03 16.45 -4.67
CA ALA B 243 -32.63 15.45 -3.81
C ALA B 243 -32.52 14.06 -4.47
N ILE B 244 -32.74 13.98 -5.78
CA ILE B 244 -32.66 12.67 -6.43
C ILE B 244 -31.22 12.12 -6.47
N PHE B 245 -30.21 12.98 -6.66
CA PHE B 245 -28.82 12.54 -6.56
C PHE B 245 -28.50 12.02 -5.16
N ARG B 246 -28.87 12.76 -4.13
CA ARG B 246 -28.64 12.31 -2.76
CA ARG B 246 -28.64 12.31 -2.77
C ARG B 246 -29.34 10.97 -2.53
N ASP B 247 -30.54 10.82 -3.08
CA ASP B 247 -31.22 9.54 -2.94
C ASP B 247 -30.38 8.44 -3.59
N PHE B 248 -29.84 8.68 -4.79
CA PHE B 248 -29.04 7.69 -5.48
C PHE B 248 -27.80 7.34 -4.66
N LEU B 249 -27.15 8.34 -4.07
CA LEU B 249 -26.00 8.10 -3.20
C LEU B 249 -26.42 7.26 -1.99
N ASN B 250 -27.60 7.52 -1.42
CA ASN B 250 -28.10 6.77 -0.28
C ASN B 250 -28.35 5.30 -0.65
N ARG B 251 -28.79 5.02 -1.88
CA ARG B 251 -28.97 3.62 -2.29
C ARG B 251 -27.64 2.91 -2.51
N CYS B 252 -26.57 3.65 -2.90
CA CYS B 252 -25.27 3.04 -3.12
C CYS B 252 -24.53 2.83 -1.81
N LEU B 253 -24.69 3.76 -0.84
CA LEU B 253 -23.83 3.86 0.33
C LEU B 253 -24.57 3.38 1.59
N GLU B 254 -25.37 2.33 1.39
CA GLU B 254 -26.09 1.67 2.46
C GLU B 254 -25.15 0.69 3.15
N MET B 255 -24.97 0.85 4.45
CA MET B 255 -24.05 -0.02 5.17
C MET B 255 -24.59 -1.45 5.20
N ASP B 256 -25.91 -1.62 5.27
CA ASP B 256 -26.52 -2.93 5.25
C ASP B 256 -26.45 -3.50 3.84
N VAL B 257 -25.62 -4.53 3.64
CA VAL B 257 -25.39 -5.11 2.32
C VAL B 257 -26.73 -5.50 1.68
N GLU B 258 -27.65 -6.07 2.45
CA GLU B 258 -28.89 -6.56 1.90
C GLU B 258 -29.69 -5.40 1.32
N LYS B 259 -29.65 -4.24 2.01
CA LYS B 259 -30.46 -3.10 1.61
C LYS B 259 -29.81 -2.36 0.44
N ARG B 260 -28.48 -2.46 0.30
CA ARG B 260 -27.78 -1.74 -0.74
C ARG B 260 -28.23 -2.25 -2.10
N GLY B 261 -28.40 -1.35 -3.09
CA GLY B 261 -28.83 -1.76 -4.41
C GLY B 261 -27.79 -2.64 -5.13
N SER B 262 -28.31 -3.50 -6.01
CA SER B 262 -27.54 -4.21 -7.00
C SER B 262 -27.37 -3.35 -8.23
N ALA B 263 -26.46 -3.76 -9.13
CA ALA B 263 -26.29 -3.00 -10.37
C ALA B 263 -27.60 -2.96 -11.14
N LYS B 264 -28.24 -4.13 -11.28
CA LYS B 264 -29.50 -4.30 -11.97
C LYS B 264 -30.56 -3.32 -11.42
N GLU B 265 -30.71 -3.28 -10.11
CA GLU B 265 -31.72 -2.42 -9.51
C GLU B 265 -31.38 -0.95 -9.70
N LEU B 266 -30.11 -0.57 -9.60
CA LEU B 266 -29.75 0.84 -9.65
C LEU B 266 -29.84 1.39 -11.06
N LEU B 267 -29.80 0.52 -12.07
CA LEU B 267 -29.98 0.97 -13.44
C LEU B 267 -31.39 1.51 -13.67
N GLN B 268 -32.33 1.20 -12.77
CA GLN B 268 -33.67 1.74 -12.87
C GLN B 268 -33.83 2.98 -11.99
N HIS B 269 -32.77 3.48 -11.34
CA HIS B 269 -32.98 4.60 -10.43
C HIS B 269 -33.26 5.88 -11.24
N GLN B 270 -34.10 6.77 -10.67
CA GLN B 270 -34.56 7.99 -11.33
C GLN B 270 -33.40 8.96 -11.62
N PHE B 271 -32.38 8.98 -10.75
CA PHE B 271 -31.20 9.81 -10.98
C PHE B 271 -30.63 9.58 -12.36
N LEU B 272 -30.63 8.34 -12.84
CA LEU B 272 -29.96 8.02 -14.12
C LEU B 272 -30.72 8.64 -15.29
N LYS B 273 -31.98 8.97 -15.06
CA LYS B 273 -32.80 9.48 -16.14
C LYS B 273 -32.55 10.96 -16.40
N ILE B 274 -31.75 11.65 -15.59
CA ILE B 274 -31.28 12.98 -15.94
C ILE B 274 -29.97 12.91 -16.73
N ALA B 275 -29.50 11.71 -17.11
CA ALA B 275 -28.25 11.62 -17.83
C ALA B 275 -28.36 12.48 -19.09
N LYS B 276 -27.37 13.35 -19.30
CA LYS B 276 -27.15 13.96 -20.60
C LYS B 276 -26.54 12.92 -21.53
N PRO B 277 -26.71 13.07 -22.87
CA PRO B 277 -26.05 12.17 -23.82
C PRO B 277 -24.54 12.15 -23.59
N LEU B 278 -23.91 11.07 -24.04
CA LEU B 278 -22.50 10.83 -23.81
C LEU B 278 -21.65 11.87 -24.52
N SER B 279 -22.19 12.49 -25.57
CA SER B 279 -21.48 13.57 -26.26
C SER B 279 -21.16 14.73 -25.30
N SER B 280 -21.98 14.94 -24.27
CA SER B 280 -21.74 15.99 -23.28
C SER B 280 -20.46 15.73 -22.50
N LEU B 281 -19.85 14.54 -22.61
CA LEU B 281 -18.60 14.35 -21.91
C LEU B 281 -17.39 14.83 -22.71
N THR B 282 -17.50 15.03 -24.03
CA THR B 282 -16.30 15.27 -24.82
C THR B 282 -15.72 16.66 -24.52
N PRO B 283 -16.53 17.68 -24.19
CA PRO B 283 -15.96 18.96 -23.75
C PRO B 283 -15.12 18.86 -22.48
N LEU B 284 -15.48 17.94 -21.57
CA LEU B 284 -14.73 17.72 -20.36
C LEU B 284 -13.34 17.18 -20.70
N ILE B 285 -13.28 16.22 -21.61
CA ILE B 285 -12.03 15.65 -22.10
C ILE B 285 -11.16 16.74 -22.70
N ALA B 286 -11.72 17.60 -23.57
CA ALA B 286 -10.94 18.68 -24.17
C ALA B 286 -10.42 19.61 -23.08
N ALA B 287 -11.26 19.96 -22.11
CA ALA B 287 -10.81 20.80 -21.01
C ALA B 287 -9.64 20.14 -20.28
N ALA B 288 -9.78 18.86 -19.94
CA ALA B 288 -8.74 18.17 -19.17
C ALA B 288 -7.43 18.13 -19.94
N LYS B 289 -7.50 17.83 -21.24
CA LYS B 289 -6.33 17.81 -22.09
C LYS B 289 -5.68 19.19 -22.12
N GLU B 290 -6.49 20.25 -22.33
CA GLU B 290 -5.93 21.59 -22.35
C GLU B 290 -5.28 21.92 -21.01
N ALA B 291 -5.87 21.46 -19.90
CA ALA B 291 -5.40 21.82 -18.56
C ALA B 291 -4.04 21.17 -18.27
N THR B 292 -3.76 20.00 -18.85
CA THR B 292 -2.54 19.26 -18.55
C THR B 292 -1.37 19.87 -19.32
N LYS B 293 -1.56 20.03 -20.63
CA LYS B 293 -0.65 20.80 -21.47
C LYS B 293 -0.11 21.99 -20.67
N ASN B 294 -1.01 22.74 -19.99
CA ASN B 294 -0.60 23.76 -19.02
C ASN B 294 0.11 23.09 -17.84
N1 A1A2S C . 16.62 -8.89 4.09
N1 A1A2S C . 16.42 -8.88 4.08
N3 A1A2S C . 18.81 -8.17 4.52
N3 A1A2S C . 18.61 -8.15 4.47
C4 A1A2S C . 17.38 -11.51 4.18
C4 A1A2S C . 17.19 -11.49 4.25
C5 A1A2S C . 18.71 -6.81 4.37
C5 A1A2S C . 18.46 -6.79 4.33
C6 A1A2S C . 18.07 -4.50 4.07
C6 A1A2S C . 17.83 -4.50 4.06
C7 A1A2S C . 19.38 -4.68 4.36
C7 A1A2S C . 19.14 -4.67 4.29
C8 A1A2S C . 17.35 -3.25 3.79
C8 A1A2S C . 17.13 -3.23 3.81
C10 A1A2S C . 15.99 -3.03 4.37
C10 A1A2S C . 15.78 -2.99 4.42
C13 A1A2S C . 13.05 -8.33 5.89
C13 A1A2S C . 12.89 -8.34 5.95
C15 A1A2S C . 11.21 -6.69 5.57
C15 A1A2S C . 11.07 -6.68 5.67
C17 A1A2S C . 13.54 -6.10 4.83
C17 A1A2S C . 13.40 -6.13 4.90
C20 A1A2S C . 10.32 -2.68 3.54
C20 A1A2S C . 11.17 -2.44 3.32
C21 A1A2S C . 10.89 -1.75 4.37
C21 A1A2S C . 11.01 -1.69 4.47
C22 A1A2S C . 11.87 -2.16 5.26
C22 A1A2S C . 11.16 -2.31 5.69
C1 A1A2S C . 15.76 -9.91 3.92
C1 A1A2S C . 15.56 -9.91 3.94
C11 A1A2S C . 13.98 -8.24 3.56
C11 A1A2S C . 13.78 -8.25 3.61
C12 A1A2S C . 13.96 -7.57 4.93
C12 A1A2S C . 13.80 -7.60 4.98
C14 A1A2S C . 11.58 -8.17 5.53
C14 A1A2S C . 11.42 -8.16 5.61
C16 A1A2S C . 12.04 -5.89 4.56
C16 A1A2S C . 11.91 -5.90 4.65
C18 A1A2S C . 11.65 -4.44 4.50
C18 A1A2S C . 11.59 -4.42 4.60
C19 A1A2S C . 10.68 -4.01 3.60
C19 A1A2S C . 11.45 -3.78 3.38
C2 A1A2S C . 17.90 -9.20 4.32
C2 A1A2S C . 17.70 -9.19 4.31
C23 A1A2S C . 12.24 -3.49 5.33
C23 A1A2S C . 11.45 -3.68 5.76
C3 A1A2S C . 18.32 -10.53 4.39
C3 A1A2S C . 18.12 -10.51 4.43
C9 A1A2S C . 16.13 -3.30 2.93
C9 A1A2S C . 15.91 -3.25 2.97
N2 A1A2S C . 16.09 -11.22 3.95
N2 A1A2S C . 15.90 -11.22 4.02
N4 A1A2S C . 19.76 -6.00 4.53
N4 A1A2S C . 19.53 -5.99 4.44
N5 A1A2S C . 14.47 -9.61 3.67
N5 A1A2S C . 14.28 -9.61 3.70
N6 A1A2S C . 9.76 -6.51 5.31
N6 A1A2S C . 9.62 -6.47 5.43
S1 A1A2S C . 17.30 -5.97 4.02
S1 A1A2S C . 17.01 -5.97 4.02
CL1 A1A2S C . 9.09 -2.22 2.39
CL1 A1A2S C . 10.99 -1.69 1.77
N1 A1A2S D . -5.50 5.59 -21.14
N3 A1A2S D . -6.72 4.74 -22.93
C4 A1A2S D . -6.20 8.15 -21.74
C5 A1A2S D . -6.63 3.41 -22.64
C6 A1A2S D . -6.21 1.20 -21.77
C7 A1A2S D . -7.06 1.22 -22.83
C8 A1A2S D . -5.79 0.08 -20.92
C10 A1A2S D . -4.47 -0.54 -21.14
C13 A1A2S D . -4.86 4.71 -16.95
C15 A1A2S D . -5.22 2.30 -16.25
C17 A1A2S D . -3.90 2.81 -18.29
C20 A1A2S D . -1.03 -0.30 -16.87
C21 A1A2S D . -1.70 -1.51 -16.93
C22 A1A2S D . -3.07 -1.50 -16.98
C1 A1A2S D . -5.10 6.65 -20.41
C11 A1A2S D . -3.64 5.16 -19.11
C12 A1A2S D . -4.54 4.19 -18.35
C14 A1A2S D . -5.73 3.74 -16.16
C16 A1A2S D . -3.82 2.24 -16.88
C18 A1A2S D . -3.10 0.91 -16.88
C19 A1A2S D . -1.72 0.90 -16.85
C2 A1A2S D . -6.30 5.84 -22.18
C23 A1A2S D . -3.78 -0.30 -16.96
C3 A1A2S D . -6.67 7.14 -22.54
C9 A1A2S D . -5.70 -1.28 -21.51
N2 A1A2S D . -5.43 7.94 -20.68
N4 A1A2S D . -7.29 2.47 -23.34
N5 A1A2S D . -4.31 6.42 -19.35
N6 A1A2S D . -5.26 1.68 -14.90
S1 A1A2S D . -5.73 2.76 -21.42
CL1 A1A2S D . 0.71 -0.26 -16.80
#